data_5N4J
#
_entry.id   5N4J
#
_cell.length_a   69.910
_cell.length_b   79.830
_cell.length_c   82.580
_cell.angle_alpha   90.00
_cell.angle_beta   90.00
_cell.angle_gamma   90.00
#
_symmetry.space_group_name_H-M   'P 21 21 21'
#
loop_
_entity.id
_entity.type
_entity.pdbx_description
1 polymer 'LIGHT CHAIN'
2 polymer 'HEAVY CHAIN'
3 water water
#
loop_
_entity_poly.entity_id
_entity_poly.type
_entity_poly.pdbx_seq_one_letter_code
_entity_poly.pdbx_strand_id
1 'polypeptide(L)'
;QSALTQPPSVSGSPGQSVTISCTGTSSDVGSYNRVSWFQQPPGTAPKLIIYEVSNRPSGVPDRFSGSKSGNTASLTISGL
QAEDEADYYCSLYISSSTWVFGGGTKLTVLGQPKAAPSVTLFPPSSEELQANKATLVCLISDFYPGAVTVAWKADSSPVK
AGVETTTPSKQSNNKYAASSYLSLTPEQWKSHRSYSCQVTHEGSTVEKTVAPTECS
;
L
2 'polypeptide(L)'
;MQLVQSGAEVKKPGASVKVSCKASGYTFTNYGLHWVRQAPGQGLEWMGWVSTNNGHTNYAQKVQGRVTMTTDTSTSTAYM
ELRSLRSDDTAIYYCARGVDLDYWGQGTLLTVSSASTKGPSVFPLAPSSKSTSGGTAALGCLVKDYFPEPVTVSWNSGAL
TSGVHTFPAVLQSSGLYSLSSVVTVPSSSLGTQTYICNVNHKPSNTKVDKRVEPKSCDKGSENLYFQGSWSHPQFEKGGG
SGGGSGGGSWSHPQFEK
;
H
#
# COMPACT_ATOMS: atom_id res chain seq x y z
N SER A 2 13.80 1.05 15.69
CA SER A 2 12.82 0.47 16.60
C SER A 2 13.48 -0.04 17.87
N ALA A 3 13.36 0.70 18.96
CA ALA A 3 13.98 0.28 20.20
C ALA A 3 13.24 -0.90 20.84
N LEU A 4 12.07 -1.28 20.30
CA LEU A 4 11.40 -2.50 20.79
C LEU A 4 11.39 -3.60 19.75
N THR A 5 11.73 -4.81 20.18
CA THR A 5 11.86 -5.95 19.28
C THR A 5 10.62 -6.83 19.19
N GLN A 6 10.13 -7.03 17.97
CA GLN A 6 9.03 -7.94 17.68
C GLN A 6 9.48 -9.02 16.71
N PRO A 7 8.89 -10.21 16.79
CA PRO A 7 9.11 -11.19 15.71
C PRO A 7 8.65 -10.65 14.36
N PRO A 8 9.44 -10.84 13.29
CA PRO A 8 9.01 -10.34 11.98
C PRO A 8 7.67 -10.93 11.51
N SER A 9 7.44 -12.19 11.85
CA SER A 9 6.23 -12.86 11.42
C SER A 9 5.75 -13.87 12.44
N VAL A 10 4.44 -14.06 12.48
CA VAL A 10 3.83 -15.15 13.23
C VAL A 10 2.72 -15.73 12.36
N SER A 11 2.40 -16.99 12.56
CA SER A 11 1.32 -17.62 11.83
C SER A 11 0.59 -18.62 12.72
N GLY A 12 -0.65 -18.92 12.35
CA GLY A 12 -1.43 -19.97 12.99
C GLY A 12 -2.65 -20.27 12.12
N SER A 13 -3.45 -21.25 12.53
CA SER A 13 -4.67 -21.64 11.84
C SER A 13 -5.89 -21.13 12.60
N PRO A 14 -7.07 -21.06 11.93
CA PRO A 14 -8.29 -20.59 12.61
C PRO A 14 -8.60 -21.35 13.91
N GLY A 15 -8.93 -20.58 14.94
CA GLY A 15 -9.25 -21.12 16.24
C GLY A 15 -8.05 -21.27 17.17
N GLN A 16 -6.83 -21.16 16.63
CA GLN A 16 -5.66 -21.31 17.49
C GLN A 16 -5.37 -20.01 18.25
N SER A 17 -4.52 -20.09 19.27
CA SER A 17 -4.08 -18.88 19.97
C SER A 17 -2.65 -18.54 19.59
N VAL A 18 -2.40 -17.27 19.25
CA VAL A 18 -1.03 -16.85 18.99
C VAL A 18 -0.72 -15.60 19.79
N THR A 19 0.51 -15.50 20.25
CA THR A 19 0.98 -14.36 21.03
C THR A 19 2.13 -13.70 20.27
N ILE A 20 2.07 -12.37 20.18
CA ILE A 20 3.11 -11.59 19.54
C ILE A 20 3.86 -10.82 20.64
N SER A 21 5.18 -11.02 20.74
CA SER A 21 5.99 -10.36 21.77
C SER A 21 6.55 -8.99 21.33
N CYS A 22 6.81 -8.15 22.33
CA CYS A 22 7.36 -6.81 22.17
C CYS A 22 8.38 -6.64 23.27
N THR A 23 9.66 -6.82 22.92
CA THR A 23 10.68 -6.99 23.93
C THR A 23 11.61 -5.80 23.99
N GLY A 24 11.81 -5.28 25.20
CA GLY A 24 12.76 -4.21 25.45
C GLY A 24 13.73 -4.60 26.56
N THR A 25 13.97 -3.62 27.45
CA THR A 25 14.84 -3.75 28.61
C THR A 25 14.16 -3.32 29.90
N SER A 26 14.85 -3.47 31.04
CA SER A 26 14.25 -3.07 32.31
C SER A 26 14.04 -1.56 32.36
N SER A 27 14.80 -0.83 31.54
CA SER A 27 14.76 0.64 31.49
C SER A 27 13.53 1.17 30.77
N ASP A 28 12.98 0.40 29.83
CA ASP A 28 11.79 0.84 29.11
C ASP A 28 10.61 -0.06 29.44
N VAL A 29 10.40 -1.15 28.69
CA VAL A 29 9.27 -2.04 29.00
C VAL A 29 9.21 -2.48 30.47
N GLY A 30 10.36 -2.79 31.08
CA GLY A 30 10.37 -3.18 32.49
C GLY A 30 10.00 -2.09 33.48
N SER A 31 10.02 -0.83 33.04
CA SER A 31 9.80 0.32 33.93
C SER A 31 8.51 1.10 33.68
N TYR A 32 7.91 0.96 32.49
CA TYR A 32 6.74 1.77 32.13
C TYR A 32 5.55 0.92 31.73
N ASN A 33 4.34 1.48 31.85
CA ASN A 33 3.12 0.71 31.68
C ASN A 33 2.19 1.19 30.54
N ARG A 34 2.52 2.26 29.85
CA ARG A 34 1.63 2.71 28.77
C ARG A 34 2.04 2.05 27.46
N VAL A 35 1.67 0.78 27.35
CA VAL A 35 1.89 -0.01 26.15
C VAL A 35 0.61 0.00 25.30
N SER A 36 0.74 0.39 24.04
CA SER A 36 -0.36 0.30 23.09
C SER A 36 -0.03 -0.76 22.05
N TRP A 37 -1.07 -1.35 21.48
CA TRP A 37 -0.91 -2.21 20.30
C TRP A 37 -1.78 -1.70 19.18
N PHE A 38 -1.26 -1.80 17.95
CA PHE A 38 -1.95 -1.32 16.76
C PHE A 38 -2.05 -2.42 15.73
N GLN A 39 -3.20 -2.45 15.05
CA GLN A 39 -3.46 -3.40 13.97
C GLN A 39 -3.47 -2.59 12.68
N GLN A 40 -2.66 -2.99 11.69
CA GLN A 40 -2.60 -2.22 10.46
C GLN A 40 -2.83 -3.12 9.24
N PRO A 41 -4.02 -3.02 8.64
CA PRO A 41 -4.31 -3.71 7.37
C PRO A 41 -3.44 -3.12 6.25
N PRO A 42 -3.18 -3.88 5.17
CA PRO A 42 -2.37 -3.29 4.10
C PRO A 42 -3.00 -2.05 3.52
N GLY A 43 -2.20 -1.00 3.33
CA GLY A 43 -2.71 0.27 2.81
C GLY A 43 -3.72 1.01 3.67
N THR A 44 -3.72 0.75 4.98
CA THR A 44 -4.65 1.39 5.92
C THR A 44 -3.83 2.07 7.02
N ALA A 45 -4.39 3.10 7.66
CA ALA A 45 -3.77 3.66 8.85
C ALA A 45 -3.84 2.62 9.98
N PRO A 46 -2.86 2.68 10.90
CA PRO A 46 -2.98 1.85 12.11
C PRO A 46 -4.25 2.11 12.88
N LYS A 47 -4.75 1.06 13.53
CA LYS A 47 -5.89 1.11 14.43
C LYS A 47 -5.49 0.68 15.85
N LEU A 48 -5.83 1.47 16.86
CA LEU A 48 -5.53 1.10 18.26
C LEU A 48 -6.39 -0.10 18.64
N ILE A 49 -5.77 -1.18 19.13
CA ILE A 49 -6.56 -2.32 19.61
C ILE A 49 -6.33 -2.69 21.08
N ILE A 50 -5.23 -2.22 21.67
CA ILE A 50 -4.95 -2.39 23.11
C ILE A 50 -4.28 -1.14 23.66
N TYR A 51 -4.69 -0.67 24.83
CA TYR A 51 -3.96 0.45 25.44
C TYR A 51 -3.71 0.14 26.93
N GLU A 52 -2.70 0.79 27.49
CA GLU A 52 -2.26 0.56 28.86
C GLU A 52 -2.13 -0.95 29.17
N VAL A 53 -1.40 -1.63 28.28
CA VAL A 53 -1.05 -3.06 28.38
C VAL A 53 -2.21 -4.02 28.08
N SER A 54 -3.39 -3.78 28.68
CA SER A 54 -4.44 -4.81 28.67
C SER A 54 -5.85 -4.32 28.36
N ASN A 55 -6.03 -3.03 28.12
CA ASN A 55 -7.38 -2.51 27.88
C ASN A 55 -7.73 -2.50 26.40
N ARG A 56 -8.94 -2.97 26.08
CA ARG A 56 -9.46 -2.93 24.69
C ARG A 56 -10.36 -1.73 24.47
N PRO A 57 -10.05 -0.89 23.46
CA PRO A 57 -11.02 0.12 23.04
C PRO A 57 -12.37 -0.54 22.76
N SER A 58 -13.47 0.14 23.08
CA SER A 58 -14.79 -0.36 22.75
C SER A 58 -14.88 -0.79 21.29
N GLY A 59 -15.50 -1.95 21.09
CA GLY A 59 -15.69 -2.48 19.75
C GLY A 59 -14.65 -3.49 19.30
N VAL A 60 -13.47 -3.48 19.92
CA VAL A 60 -12.41 -4.42 19.51
C VAL A 60 -12.80 -5.81 20.00
N PRO A 61 -12.70 -6.84 19.11
CA PRO A 61 -13.13 -8.20 19.49
C PRO A 61 -12.44 -8.69 20.76
N ASP A 62 -13.19 -9.41 21.59
CA ASP A 62 -12.72 -9.93 22.88
C ASP A 62 -11.54 -10.88 22.74
N ARG A 63 -11.38 -11.48 21.57
CA ARG A 63 -10.25 -12.40 21.39
C ARG A 63 -8.88 -11.71 21.43
N PHE A 64 -8.84 -10.37 21.37
CA PHE A 64 -7.57 -9.64 21.48
C PHE A 64 -7.34 -9.30 22.94
N SER A 65 -6.18 -9.67 23.49
CA SER A 65 -5.86 -9.33 24.87
C SER A 65 -4.40 -8.95 24.98
N GLY A 66 -4.05 -8.30 26.07
CA GLY A 66 -2.66 -7.90 26.22
C GLY A 66 -2.14 -8.13 27.64
N SER A 67 -0.84 -8.41 27.74
CA SER A 67 -0.21 -8.56 29.05
C SER A 67 1.22 -8.01 29.01
N LYS A 68 1.87 -8.02 30.17
CA LYS A 68 3.27 -7.58 30.25
C LYS A 68 3.92 -8.32 31.40
N SER A 69 5.11 -8.85 31.15
CA SER A 69 5.86 -9.53 32.19
C SER A 69 7.32 -9.29 31.96
N GLY A 70 8.03 -8.87 33.00
CA GLY A 70 9.45 -8.53 32.81
C GLY A 70 9.61 -7.41 31.78
N ASN A 71 10.48 -7.65 30.80
CA ASN A 71 10.75 -6.62 29.81
C ASN A 71 10.02 -6.89 28.49
N THR A 72 8.98 -7.72 28.53
CA THR A 72 8.24 -8.04 27.31
C THR A 72 6.77 -7.77 27.48
N ALA A 73 6.17 -7.06 26.53
CA ALA A 73 4.73 -6.97 26.46
C ALA A 73 4.21 -7.94 25.42
N SER A 74 3.03 -8.49 25.63
CA SER A 74 2.55 -9.53 24.74
C SER A 74 1.12 -9.26 24.29
N LEU A 75 0.89 -9.32 22.98
CA LEU A 75 -0.45 -9.29 22.38
C LEU A 75 -0.90 -10.71 22.07
N THR A 76 -2.04 -11.13 22.63
CA THR A 76 -2.54 -12.48 22.39
C THR A 76 -3.85 -12.42 21.63
N ILE A 77 -3.93 -13.21 20.57
CA ILE A 77 -5.17 -13.41 19.85
C ILE A 77 -5.64 -14.83 20.13
N SER A 78 -6.70 -14.96 20.93
CA SER A 78 -7.20 -16.26 21.41
C SER A 78 -8.36 -16.77 20.56
N GLY A 79 -8.03 -17.53 19.51
CA GLY A 79 -9.00 -18.06 18.58
C GLY A 79 -8.93 -17.28 17.27
N LEU A 80 -7.87 -17.50 16.50
CA LEU A 80 -7.62 -16.71 15.29
C LEU A 80 -8.77 -16.79 14.32
N GLN A 81 -9.02 -15.69 13.62
CA GLN A 81 -9.94 -15.68 12.50
C GLN A 81 -9.22 -15.12 11.29
N ALA A 82 -9.67 -15.50 10.10
CA ALA A 82 -9.05 -15.01 8.88
C ALA A 82 -8.97 -13.48 8.79
N GLU A 83 -9.94 -12.79 9.36
CA GLU A 83 -9.95 -11.33 9.25
C GLU A 83 -8.83 -10.68 10.07
N ASP A 84 -8.10 -11.48 10.85
CA ASP A 84 -7.05 -10.93 11.73
C ASP A 84 -5.71 -10.72 11.04
N GLU A 85 -5.60 -11.16 9.79
CA GLU A 85 -4.38 -10.93 9.04
C GLU A 85 -4.13 -9.43 8.92
N ALA A 86 -2.93 -9.01 9.32
CA ALA A 86 -2.53 -7.61 9.41
C ALA A 86 -1.10 -7.51 9.91
N ASP A 87 -0.52 -6.31 9.87
CA ASP A 87 0.72 -6.08 10.61
C ASP A 87 0.34 -5.52 12.00
N TYR A 88 1.02 -5.98 13.03
CA TYR A 88 0.77 -5.52 14.40
C TYR A 88 1.99 -4.83 14.99
N TYR A 89 1.78 -3.73 15.71
CA TYR A 89 2.86 -2.93 16.29
C TYR A 89 2.57 -2.66 17.75
N CYS A 90 3.60 -2.75 18.59
CA CYS A 90 3.51 -2.21 19.95
C CYS A 90 4.13 -0.82 19.99
N SER A 91 3.71 -0.02 20.96
CA SER A 91 4.41 1.20 21.29
C SER A 91 4.44 1.39 22.81
N LEU A 92 5.35 2.22 23.27
CA LEU A 92 5.53 2.47 24.69
C LEU A 92 5.84 3.94 24.96
N TYR A 93 5.15 4.56 25.92
CA TYR A 93 5.46 5.90 26.41
C TYR A 93 6.55 5.76 27.47
N ILE A 94 7.69 6.44 27.27
CA ILE A 94 8.80 6.31 28.21
C ILE A 94 9.17 7.60 28.95
N SER A 95 8.14 8.33 29.37
CA SER A 95 8.27 9.62 30.08
C SER A 95 8.97 10.66 29.22
N SER A 96 9.07 11.87 29.77
CA SER A 96 9.69 13.00 29.08
C SER A 96 9.12 13.14 27.67
N SER A 97 7.80 13.01 27.56
CA SER A 97 7.07 13.22 26.31
C SER A 97 7.67 12.45 25.13
N THR A 98 8.04 11.19 25.37
CA THR A 98 8.68 10.38 24.33
C THR A 98 7.96 9.06 24.18
N TRP A 99 7.67 8.67 22.93
CA TRP A 99 7.07 7.37 22.61
C TRP A 99 8.01 6.57 21.72
N VAL A 100 8.01 5.25 21.85
CA VAL A 100 8.83 4.38 20.99
C VAL A 100 8.00 3.21 20.47
N PHE A 101 8.24 2.80 19.22
CA PHE A 101 7.50 1.71 18.59
C PHE A 101 8.33 0.42 18.48
N GLY A 102 7.66 -0.72 18.49
CA GLY A 102 8.26 -1.96 18.04
C GLY A 102 8.38 -2.02 16.52
N GLY A 103 9.15 -2.97 16.01
CA GLY A 103 9.39 -3.10 14.58
C GLY A 103 8.29 -3.65 13.70
N GLY A 104 7.23 -4.19 14.32
CA GLY A 104 6.12 -4.77 13.59
C GLY A 104 6.21 -6.27 13.38
N THR A 105 5.03 -6.90 13.37
CA THR A 105 4.91 -8.34 13.15
C THR A 105 3.84 -8.57 12.09
N LYS A 106 4.16 -9.34 11.06
CA LYS A 106 3.13 -9.72 10.10
C LYS A 106 2.45 -11.02 10.49
N LEU A 107 1.14 -10.98 10.67
CA LEU A 107 0.37 -12.16 11.06
C LEU A 107 -0.29 -12.81 9.84
N THR A 108 0.03 -14.09 9.63
CA THR A 108 -0.64 -14.91 8.62
C THR A 108 -1.59 -15.90 9.27
N VAL A 109 -2.82 -15.99 8.74
CA VAL A 109 -3.79 -17.00 9.19
C VAL A 109 -3.93 -18.01 8.09
N LEU A 110 -3.56 -19.25 8.38
CA LEU A 110 -3.59 -20.30 7.37
C LEU A 110 -4.97 -20.89 7.17
N GLY A 111 -5.06 -21.80 6.21
CA GLY A 111 -6.23 -22.65 6.08
C GLY A 111 -7.21 -22.32 4.98
N GLN A 112 -6.91 -21.31 4.16
CA GLN A 112 -7.74 -21.07 3.00
C GLN A 112 -7.41 -22.20 2.01
N PRO A 113 -8.38 -22.58 1.17
CA PRO A 113 -8.05 -23.69 0.29
C PRO A 113 -7.16 -23.21 -0.86
N LYS A 114 -6.35 -24.10 -1.43
CA LYS A 114 -5.52 -23.71 -2.57
C LYS A 114 -6.45 -23.28 -3.71
N ALA A 115 -6.07 -22.21 -4.41
CA ALA A 115 -6.79 -21.75 -5.59
C ALA A 115 -5.77 -21.42 -6.67
N ALA A 116 -5.89 -22.03 -7.84
CA ALA A 116 -4.99 -21.78 -8.96
C ALA A 116 -5.27 -20.40 -9.56
N PRO A 117 -4.23 -19.75 -10.09
CA PRO A 117 -4.44 -18.44 -10.71
C PRO A 117 -5.23 -18.46 -12.02
N SER A 118 -5.95 -17.36 -12.26
N SER A 118 -5.96 -17.37 -12.26
CA SER A 118 -6.57 -17.07 -13.55
CA SER A 118 -6.57 -17.10 -13.57
C SER A 118 -5.64 -16.10 -14.26
C SER A 118 -5.64 -16.11 -14.26
N VAL A 119 -5.39 -16.34 -15.54
CA VAL A 119 -4.42 -15.50 -16.29
C VAL A 119 -5.04 -14.89 -17.54
N THR A 120 -4.87 -13.58 -17.70
CA THR A 120 -5.23 -12.88 -18.92
C THR A 120 -3.96 -12.26 -19.49
N LEU A 121 -3.70 -12.46 -20.77
CA LEU A 121 -2.49 -11.93 -21.41
C LEU A 121 -2.88 -11.05 -22.58
N PHE A 122 -2.36 -9.81 -22.60
CA PHE A 122 -2.60 -8.88 -23.70
C PHE A 122 -1.32 -8.63 -24.47
N PRO A 123 -1.42 -8.56 -25.82
CA PRO A 123 -0.32 -8.15 -26.71
C PRO A 123 -0.15 -6.64 -26.69
N PRO A 124 0.94 -6.15 -27.28
CA PRO A 124 1.08 -4.70 -27.44
C PRO A 124 -0.08 -4.14 -28.27
N SER A 125 -0.56 -2.97 -27.86
CA SER A 125 -1.57 -2.24 -28.65
C SER A 125 -0.99 -1.64 -29.93
N SER A 126 -1.85 -1.47 -30.93
CA SER A 126 -1.46 -0.74 -32.15
C SER A 126 -0.87 0.61 -31.83
N GLU A 127 -1.49 1.32 -30.91
CA GLU A 127 -1.06 2.66 -30.55
C GLU A 127 0.33 2.65 -29.96
N GLU A 128 0.62 1.71 -29.06
CA GLU A 128 1.94 1.70 -28.45
C GLU A 128 2.99 1.38 -29.51
N LEU A 129 2.68 0.44 -30.40
CA LEU A 129 3.61 0.06 -31.45
C LEU A 129 3.90 1.26 -32.34
N GLN A 130 2.88 2.05 -32.59
CA GLN A 130 3.01 3.25 -33.41
C GLN A 130 3.88 4.28 -32.72
N ALA A 131 4.02 4.11 -31.41
CA ALA A 131 4.89 4.98 -30.62
C ALA A 131 6.27 4.35 -30.44
N ASN A 132 6.56 3.31 -31.23
CA ASN A 132 7.85 2.62 -31.22
C ASN A 132 8.15 1.97 -29.87
N LYS A 133 7.11 1.52 -29.19
CA LYS A 133 7.25 0.76 -27.92
C LYS A 133 6.38 -0.49 -27.98
N ALA A 134 6.57 -1.40 -27.04
CA ALA A 134 5.76 -2.62 -26.99
C ALA A 134 5.79 -3.21 -25.59
N THR A 135 4.59 -3.40 -25.02
CA THR A 135 4.47 -3.98 -23.69
C THR A 135 3.48 -5.13 -23.74
N LEU A 136 3.93 -6.32 -23.30
CA LEU A 136 3.01 -7.44 -23.07
C LEU A 136 2.54 -7.41 -21.63
N VAL A 137 1.26 -7.69 -21.41
CA VAL A 137 0.65 -7.52 -20.09
C VAL A 137 0.04 -8.82 -19.60
N CYS A 138 0.58 -9.36 -18.52
CA CYS A 138 0.11 -10.63 -17.98
C CYS A 138 -0.53 -10.41 -16.60
N LEU A 139 -1.86 -10.56 -16.52
CA LEU A 139 -2.62 -10.26 -15.29
C LEU A 139 -3.05 -11.55 -14.61
N ILE A 140 -2.72 -11.67 -13.35
CA ILE A 140 -2.81 -12.93 -12.61
C ILE A 140 -3.71 -12.72 -11.39
N SER A 141 -4.78 -13.48 -11.29
N SER A 141 -4.82 -13.46 -11.34
CA SER A 141 -5.73 -13.18 -10.22
CA SER A 141 -5.88 -13.20 -10.36
C SER A 141 -6.33 -14.41 -9.57
C SER A 141 -6.30 -14.43 -9.56
N ASP A 142 -6.93 -14.17 -8.41
CA ASP A 142 -7.70 -15.18 -7.67
C ASP A 142 -6.91 -16.40 -7.25
N PHE A 143 -5.64 -16.21 -6.85
CA PHE A 143 -4.86 -17.37 -6.42
C PHE A 143 -4.56 -17.35 -4.91
N TYR A 144 -4.37 -18.55 -4.37
CA TYR A 144 -4.03 -18.75 -2.96
C TYR A 144 -3.31 -20.11 -2.84
N PRO A 145 -2.20 -20.17 -2.10
CA PRO A 145 -1.53 -19.13 -1.32
C PRO A 145 -0.98 -18.00 -2.18
N GLY A 146 -0.59 -16.89 -1.55
CA GLY A 146 -0.16 -15.68 -2.24
C GLY A 146 1.30 -15.65 -2.66
N ALA A 147 1.71 -16.62 -3.47
CA ALA A 147 3.02 -16.57 -4.08
C ALA A 147 2.96 -17.21 -5.46
N VAL A 148 3.54 -16.53 -6.45
CA VAL A 148 3.77 -17.09 -7.77
C VAL A 148 5.15 -16.72 -8.28
N THR A 149 5.63 -17.47 -9.27
CA THR A 149 6.77 -17.02 -10.06
C THR A 149 6.32 -16.97 -11.52
N VAL A 150 6.87 -16.04 -12.27
CA VAL A 150 6.51 -15.80 -13.65
C VAL A 150 7.74 -15.86 -14.58
N ALA A 151 7.61 -16.59 -15.67
CA ALA A 151 8.66 -16.67 -16.67
C ALA A 151 8.03 -16.39 -18.01
N TRP A 152 8.76 -15.67 -18.84
CA TRP A 152 8.30 -15.40 -20.20
C TRP A 152 9.12 -16.15 -21.23
N LYS A 153 8.46 -16.52 -22.34
CA LYS A 153 9.13 -17.22 -23.44
C LYS A 153 8.92 -16.47 -24.75
N ALA A 154 9.99 -16.35 -25.52
CA ALA A 154 9.93 -15.85 -26.89
C ALA A 154 10.04 -17.07 -27.80
N ASP A 155 8.94 -17.37 -28.49
CA ASP A 155 8.70 -18.68 -29.08
C ASP A 155 8.83 -19.70 -27.94
N SER A 156 9.90 -20.48 -27.91
CA SER A 156 10.09 -21.37 -26.76
C SER A 156 11.35 -21.06 -25.94
N SER A 157 12.01 -19.95 -26.24
CA SER A 157 13.24 -19.59 -25.53
C SER A 157 12.99 -18.64 -24.37
N PRO A 158 13.73 -18.81 -23.27
CA PRO A 158 13.59 -17.91 -22.12
C PRO A 158 13.93 -16.46 -22.45
N VAL A 159 13.11 -15.60 -21.87
CA VAL A 159 13.26 -14.16 -22.02
C VAL A 159 14.03 -13.63 -20.82
N LYS A 160 15.17 -12.98 -21.07
CA LYS A 160 16.11 -12.63 -20.01
C LYS A 160 16.15 -11.15 -19.69
N ALA A 161 15.48 -10.36 -20.53
CA ALA A 161 15.45 -8.90 -20.38
C ALA A 161 14.02 -8.34 -20.45
N GLY A 162 13.78 -7.20 -19.81
CA GLY A 162 12.53 -6.49 -20.00
C GLY A 162 11.35 -6.90 -19.12
N VAL A 163 11.55 -7.87 -18.23
CA VAL A 163 10.46 -8.35 -17.36
C VAL A 163 10.33 -7.55 -16.06
N GLU A 164 9.10 -7.18 -15.69
CA GLU A 164 8.79 -6.59 -14.39
C GLU A 164 7.60 -7.28 -13.78
N THR A 165 7.73 -7.75 -12.55
CA THR A 165 6.66 -8.51 -11.91
C THR A 165 6.38 -8.00 -10.52
N THR A 166 5.11 -7.79 -10.21
CA THR A 166 4.74 -7.30 -8.88
C THR A 166 4.86 -8.39 -7.81
N THR A 167 4.93 -7.93 -6.57
CA THR A 167 4.68 -8.80 -5.43
C THR A 167 3.17 -9.07 -5.35
N PRO A 168 2.75 -10.27 -4.93
CA PRO A 168 1.31 -10.51 -4.84
C PRO A 168 0.68 -9.68 -3.73
N SER A 169 -0.53 -9.22 -3.97
CA SER A 169 -1.26 -8.52 -2.92
C SER A 169 -2.65 -9.12 -2.78
N LYS A 170 -3.18 -9.07 -1.55
CA LYS A 170 -4.48 -9.66 -1.26
C LYS A 170 -5.61 -8.81 -1.86
N GLN A 171 -6.48 -9.48 -2.63
CA GLN A 171 -7.70 -8.94 -3.22
C GLN A 171 -8.78 -8.83 -2.16
N SER A 172 -9.90 -8.17 -2.50
CA SER A 172 -10.99 -8.08 -1.53
C SER A 172 -11.65 -9.43 -1.23
N ASN A 173 -11.48 -10.43 -2.09
CA ASN A 173 -12.02 -11.76 -1.83
C ASN A 173 -11.05 -12.71 -1.11
N ASN A 174 -10.00 -12.14 -0.52
CA ASN A 174 -8.97 -12.88 0.22
C ASN A 174 -8.15 -13.83 -0.63
N LYS A 175 -8.26 -13.74 -1.95
CA LYS A 175 -7.31 -14.41 -2.82
C LYS A 175 -6.34 -13.29 -3.27
N TYR A 176 -5.35 -13.67 -4.07
CA TYR A 176 -4.29 -12.74 -4.40
C TYR A 176 -4.23 -12.40 -5.88
N ALA A 177 -3.65 -11.24 -6.15
CA ALA A 177 -3.42 -10.79 -7.51
C ALA A 177 -1.97 -10.37 -7.73
N ALA A 178 -1.50 -10.51 -8.97
CA ALA A 178 -0.17 -10.04 -9.37
C ALA A 178 -0.20 -9.68 -10.85
N SER A 179 0.80 -8.93 -11.29
CA SER A 179 0.96 -8.54 -12.69
C SER A 179 2.38 -8.76 -13.12
N SER A 180 2.56 -9.16 -14.38
CA SER A 180 3.90 -9.16 -14.98
C SER A 180 3.85 -8.48 -16.34
N TYR A 181 4.87 -7.67 -16.61
CA TYR A 181 4.99 -6.90 -17.85
C TYR A 181 6.27 -7.26 -18.57
N LEU A 182 6.19 -7.41 -19.89
CA LEU A 182 7.38 -7.61 -20.70
C LEU A 182 7.51 -6.48 -21.71
N SER A 183 8.62 -5.75 -21.60
CA SER A 183 8.99 -4.70 -22.55
C SER A 183 9.85 -5.24 -23.71
N LEU A 184 9.39 -4.97 -24.94
CA LEU A 184 10.07 -5.41 -26.18
C LEU A 184 10.19 -4.23 -27.11
N THR A 185 11.04 -4.36 -28.12
CA THR A 185 10.95 -3.45 -29.26
C THR A 185 9.83 -3.95 -30.18
N PRO A 186 9.23 -3.05 -30.96
CA PRO A 186 8.25 -3.49 -31.95
C PRO A 186 8.84 -4.57 -32.87
N GLU A 187 10.12 -4.40 -33.19
CA GLU A 187 10.84 -5.36 -34.01
C GLU A 187 10.91 -6.76 -33.40
N GLN A 188 11.13 -6.85 -32.09
CA GLN A 188 11.19 -8.16 -31.40
C GLN A 188 9.83 -8.83 -31.38
N TRP A 189 8.81 -8.02 -31.10
CA TRP A 189 7.44 -8.48 -31.10
C TRP A 189 7.00 -9.03 -32.48
N LYS A 190 7.37 -8.36 -33.56
CA LYS A 190 6.96 -8.83 -34.88
C LYS A 190 7.78 -10.03 -35.33
N SER A 191 9.01 -10.14 -34.82
CA SER A 191 9.96 -11.09 -35.39
C SER A 191 9.80 -12.52 -34.89
N HIS A 192 9.10 -12.69 -33.77
CA HIS A 192 8.86 -14.02 -33.21
C HIS A 192 7.47 -14.52 -33.59
N ARG A 193 7.30 -15.85 -33.57
CA ARG A 193 6.00 -16.43 -33.87
C ARG A 193 5.02 -16.17 -32.73
N SER A 194 5.50 -16.20 -31.49
CA SER A 194 4.64 -15.98 -30.33
C SER A 194 5.47 -15.63 -29.10
N TYR A 195 4.79 -15.09 -28.09
CA TYR A 195 5.35 -14.92 -26.75
C TYR A 195 4.41 -15.56 -25.74
N SER A 196 4.95 -16.14 -24.67
CA SER A 196 4.11 -16.72 -23.64
C SER A 196 4.42 -16.21 -22.24
N CYS A 197 3.39 -16.07 -21.43
CA CYS A 197 3.53 -15.80 -20.01
C CYS A 197 3.25 -17.08 -19.24
N GLN A 198 4.24 -17.57 -18.49
CA GLN A 198 4.12 -18.84 -17.78
C GLN A 198 4.11 -18.58 -16.30
N VAL A 199 3.00 -18.95 -15.65
CA VAL A 199 2.80 -18.65 -14.26
C VAL A 199 2.89 -19.92 -13.45
N THR A 200 3.78 -19.96 -12.47
CA THR A 200 3.95 -21.14 -11.61
C THR A 200 3.43 -20.84 -10.22
N HIS A 201 2.51 -21.69 -9.76
CA HIS A 201 1.85 -21.55 -8.47
C HIS A 201 1.86 -22.93 -7.79
N GLU A 202 2.53 -22.99 -6.63
CA GLU A 202 2.61 -24.24 -5.84
C GLU A 202 3.01 -25.41 -6.74
N GLY A 203 4.02 -25.20 -7.56
CA GLY A 203 4.56 -26.27 -8.37
C GLY A 203 3.84 -26.52 -9.68
N SER A 204 2.70 -25.86 -9.90
CA SER A 204 1.91 -26.05 -11.13
C SER A 204 2.06 -24.87 -12.07
N THR A 205 2.49 -25.14 -13.29
CA THR A 205 2.72 -24.03 -14.25
C THR A 205 1.64 -23.99 -15.33
N VAL A 206 0.94 -22.86 -15.43
CA VAL A 206 -0.09 -22.61 -16.45
C VAL A 206 0.32 -21.43 -17.34
N GLU A 207 -0.44 -21.16 -18.39
CA GLU A 207 0.07 -20.13 -19.29
C GLU A 207 -0.94 -19.51 -20.21
N LYS A 208 -0.52 -18.41 -20.81
CA LYS A 208 -1.21 -17.84 -21.96
C LYS A 208 -0.14 -17.51 -23.01
N THR A 209 -0.57 -17.52 -24.27
CA THR A 209 0.30 -17.22 -25.38
C THR A 209 -0.39 -16.20 -26.30
N VAL A 210 0.38 -15.25 -26.82
CA VAL A 210 -0.14 -14.32 -27.82
C VAL A 210 0.80 -14.26 -29.01
N ALA A 211 0.25 -13.90 -30.18
CA ALA A 211 0.99 -13.87 -31.43
C ALA A 211 0.67 -12.59 -32.19
N PRO A 212 1.63 -12.05 -32.96
CA PRO A 212 1.37 -10.79 -33.67
C PRO A 212 0.51 -10.94 -34.93
N MET B 1 -13.26 11.97 16.60
CA MET B 1 -14.13 11.60 15.49
C MET B 1 -13.46 11.74 14.11
N GLN B 2 -12.69 12.79 13.84
CA GLN B 2 -12.03 12.89 12.52
C GLN B 2 -10.66 13.58 12.56
N LEU B 3 -9.67 13.00 11.88
CA LEU B 3 -8.37 13.66 11.60
C LEU B 3 -8.12 13.59 10.11
N VAL B 4 -8.18 14.71 9.43
CA VAL B 4 -8.06 14.71 7.98
C VAL B 4 -6.78 15.43 7.56
N GLN B 5 -5.92 14.70 6.88
CA GLN B 5 -4.60 15.23 6.52
C GLN B 5 -4.56 15.80 5.11
N SER B 6 -3.61 16.69 4.90
CA SER B 6 -3.39 17.34 3.65
C SER B 6 -2.87 16.39 2.57
N GLY B 7 -2.88 16.88 1.34
CA GLY B 7 -2.53 16.09 0.16
C GLY B 7 -1.07 15.73 0.05
N ALA B 8 -0.80 14.74 -0.79
CA ALA B 8 0.55 14.27 -1.02
C ALA B 8 1.48 15.34 -1.55
N GLU B 9 2.76 15.22 -1.21
CA GLU B 9 3.78 16.20 -1.56
C GLU B 9 4.97 15.51 -2.23
N VAL B 10 5.51 16.17 -3.27
CA VAL B 10 6.69 15.70 -3.98
C VAL B 10 7.74 16.79 -3.89
N LYS B 11 8.89 16.47 -3.32
CA LYS B 11 9.91 17.49 -3.03
C LYS B 11 11.29 17.00 -3.49
N LYS B 12 12.19 17.92 -3.79
CA LYS B 12 13.59 17.60 -4.07
C LYS B 12 14.40 17.53 -2.78
N PRO B 13 15.51 16.78 -2.78
CA PRO B 13 16.37 16.80 -1.60
C PRO B 13 16.80 18.23 -1.23
N GLY B 14 16.87 18.52 0.08
CA GLY B 14 17.24 19.84 0.54
C GLY B 14 16.09 20.82 0.71
N ALA B 15 14.93 20.49 0.13
CA ALA B 15 13.77 21.38 0.26
C ALA B 15 13.11 21.16 1.62
N SER B 16 12.04 21.91 1.84
N SER B 16 12.05 21.90 1.86
CA SER B 16 11.21 21.79 3.04
CA SER B 16 11.23 21.70 3.05
C SER B 16 9.79 21.43 2.66
C SER B 16 9.80 21.38 2.66
N VAL B 17 9.06 20.82 3.59
CA VAL B 17 7.65 20.53 3.39
C VAL B 17 6.90 20.83 4.67
N LYS B 18 5.65 21.26 4.54
CA LYS B 18 4.79 21.43 5.72
C LYS B 18 3.46 20.78 5.44
N VAL B 19 3.13 19.78 6.25
CA VAL B 19 1.89 19.04 6.09
C VAL B 19 0.95 19.34 7.25
N SER B 20 -0.34 19.12 7.06
CA SER B 20 -1.30 19.47 8.09
C SER B 20 -2.29 18.36 8.39
N CYS B 21 -2.95 18.53 9.53
CA CYS B 21 -3.83 17.51 10.12
C CYS B 21 -4.99 18.26 10.74
N LYS B 22 -6.17 18.21 10.14
CA LYS B 22 -7.32 18.98 10.65
C LYS B 22 -8.24 18.09 11.49
N ALA B 23 -8.47 18.49 12.73
CA ALA B 23 -9.29 17.73 13.66
C ALA B 23 -10.75 18.21 13.66
N SER B 24 -11.68 17.27 13.82
CA SER B 24 -13.07 17.67 14.07
C SER B 24 -13.78 16.60 14.90
N GLY B 25 -14.96 16.95 15.39
CA GLY B 25 -15.79 16.01 16.12
C GLY B 25 -15.28 15.67 17.51
N TYR B 26 -14.39 16.49 18.05
CA TYR B 26 -13.95 16.38 19.43
C TYR B 26 -13.28 17.70 19.82
N THR B 27 -13.02 17.87 21.12
CA THR B 27 -12.47 19.14 21.60
C THR B 27 -10.98 19.18 21.36
N PHE B 28 -10.59 19.95 20.36
CA PHE B 28 -9.22 19.98 19.86
C PHE B 28 -8.18 20.14 20.96
N THR B 29 -8.44 21.09 21.86
CA THR B 29 -7.48 21.48 22.88
C THR B 29 -7.44 20.53 24.08
N ASN B 30 -8.23 19.47 24.04
CA ASN B 30 -8.21 18.47 25.11
C ASN B 30 -7.21 17.33 24.88
N TYR B 31 -6.65 17.26 23.67
CA TYR B 31 -5.75 16.15 23.33
C TYR B 31 -4.53 16.66 22.57
N GLY B 32 -3.34 16.20 22.96
CA GLY B 32 -2.12 16.46 22.22
C GLY B 32 -2.16 15.66 20.91
N LEU B 33 -1.26 15.98 20.00
CA LEU B 33 -1.17 15.21 18.74
C LEU B 33 0.25 14.72 18.51
N HIS B 34 0.35 13.57 17.84
CA HIS B 34 1.62 12.99 17.45
C HIS B 34 1.76 12.95 15.94
N TRP B 35 3.00 12.99 15.48
CA TRP B 35 3.33 12.67 14.10
C TRP B 35 4.17 11.40 14.06
N VAL B 36 3.75 10.46 13.21
CA VAL B 36 4.35 9.12 13.08
C VAL B 36 4.52 8.83 11.60
N ARG B 37 5.70 8.43 11.16
CA ARG B 37 5.85 8.18 9.73
C ARG B 37 6.18 6.72 9.47
N GLN B 38 6.04 6.31 8.20
CA GLN B 38 6.24 4.92 7.83
C GLN B 38 6.81 4.87 6.44
N ALA B 39 8.11 4.56 6.36
CA ALA B 39 8.79 4.43 5.08
C ALA B 39 8.28 3.17 4.38
N PRO B 40 8.35 3.14 3.05
CA PRO B 40 7.76 2.01 2.30
C PRO B 40 8.23 0.63 2.78
N GLY B 41 7.28 -0.21 3.17
CA GLY B 41 7.57 -1.57 3.61
C GLY B 41 8.21 -1.68 4.99
N GLN B 42 8.31 -0.54 5.70
CA GLN B 42 9.03 -0.48 6.96
C GLN B 42 8.05 -0.23 8.12
N GLY B 43 8.61 -0.01 9.30
CA GLY B 43 7.79 0.10 10.50
C GLY B 43 7.36 1.52 10.81
N LEU B 44 6.47 1.64 11.78
CA LEU B 44 6.07 2.96 12.30
C LEU B 44 7.19 3.59 13.07
N GLU B 45 7.38 4.89 12.85
CA GLU B 45 8.46 5.62 13.51
C GLU B 45 7.90 6.92 14.08
N TRP B 46 7.91 7.06 15.39
CA TRP B 46 7.40 8.28 16.06
C TRP B 46 8.33 9.45 15.79
N MET B 47 7.74 10.58 15.39
CA MET B 47 8.50 11.79 15.07
C MET B 47 8.46 12.84 16.17
N GLY B 48 7.31 12.94 16.82
CA GLY B 48 7.19 13.89 17.90
C GLY B 48 5.79 14.12 18.36
N TRP B 49 5.69 14.92 19.41
CA TRP B 49 4.43 15.22 20.08
C TRP B 49 4.29 16.74 20.19
N VAL B 50 3.07 17.21 20.05
CA VAL B 50 2.79 18.64 20.17
C VAL B 50 1.52 18.86 20.97
N SER B 51 1.60 19.64 22.04
CA SER B 51 0.44 19.91 22.83
C SER B 51 -0.48 20.92 22.14
N THR B 52 -1.78 20.77 22.35
CA THR B 52 -2.76 21.72 21.83
C THR B 52 -3.22 22.71 22.89
N ASN B 53 -2.74 22.58 24.13
CA ASN B 53 -3.13 23.54 25.15
C ASN B 53 -2.02 24.11 26.03
N ASN B 54 -0.77 23.64 25.93
CA ASN B 54 0.25 24.22 26.82
C ASN B 54 1.54 24.66 26.15
N GLY B 55 1.60 24.54 24.83
CA GLY B 55 2.73 25.04 24.08
C GLY B 55 3.94 24.12 24.03
N HIS B 56 3.86 22.97 24.69
CA HIS B 56 5.03 22.10 24.70
C HIS B 56 5.13 21.20 23.46
N THR B 57 6.36 20.89 23.11
CA THR B 57 6.67 19.94 22.04
C THR B 57 7.83 19.06 22.48
N ASN B 58 7.90 17.87 21.91
CA ASN B 58 9.11 17.05 22.01
C ASN B 58 9.28 16.21 20.76
N TYR B 59 10.50 16.15 20.26
CA TYR B 59 10.81 15.56 18.96
C TYR B 59 11.75 14.37 19.13
N ALA B 60 11.64 13.43 18.20
CA ALA B 60 12.52 12.27 18.13
C ALA B 60 13.92 12.76 17.82
N GLN B 61 14.92 12.16 18.48
CA GLN B 61 16.31 12.53 18.27
C GLN B 61 16.63 12.55 16.78
N LYS B 62 16.05 11.59 16.07
CA LYS B 62 16.24 11.43 14.63
C LYS B 62 15.94 12.67 13.78
N VAL B 63 14.92 13.45 14.17
CA VAL B 63 14.54 14.62 13.38
C VAL B 63 14.71 15.93 14.12
N GLN B 64 15.17 15.86 15.37
CA GLN B 64 15.49 17.05 16.16
C GLN B 64 16.35 18.04 15.38
N GLY B 65 15.95 19.30 15.39
CA GLY B 65 16.68 20.33 14.66
C GLY B 65 16.12 20.63 13.28
N ARG B 66 15.35 19.71 12.70
CA ARG B 66 14.81 20.08 11.40
C ARG B 66 13.29 19.84 11.31
N VAL B 67 12.65 19.70 12.46
CA VAL B 67 11.19 19.60 12.49
C VAL B 67 10.59 20.71 13.36
N THR B 68 9.41 21.21 12.95
CA THR B 68 8.66 22.15 13.77
C THR B 68 7.20 21.72 13.76
N MET B 69 6.65 21.52 14.95
CA MET B 69 5.23 21.17 15.09
C MET B 69 4.49 22.31 15.78
N THR B 70 3.42 22.78 15.14
CA THR B 70 2.62 23.90 15.66
C THR B 70 1.14 23.61 15.48
N THR B 71 0.31 24.48 16.04
CA THR B 71 -1.13 24.33 15.91
C THR B 71 -1.78 25.67 15.58
N ASP B 72 -2.96 25.60 14.99
CA ASP B 72 -3.79 26.78 14.74
C ASP B 72 -5.16 26.50 15.31
N THR B 73 -5.43 27.02 16.50
CA THR B 73 -6.70 26.70 17.15
C THR B 73 -7.90 27.30 16.41
N SER B 74 -7.68 28.31 15.56
CA SER B 74 -8.80 28.90 14.83
C SER B 74 -9.45 27.88 13.89
N THR B 75 -8.69 26.91 13.41
CA THR B 75 -9.23 25.89 12.49
C THR B 75 -9.03 24.46 13.00
N SER B 76 -8.60 24.30 14.25
CA SER B 76 -8.26 22.98 14.81
C SER B 76 -7.30 22.20 13.92
N THR B 77 -6.24 22.85 13.46
CA THR B 77 -5.30 22.23 12.55
C THR B 77 -3.91 22.18 13.15
N ALA B 78 -3.28 21.01 13.08
CA ALA B 78 -1.89 20.86 13.47
C ALA B 78 -1.01 20.83 12.24
N TYR B 79 0.17 21.41 12.37
CA TYR B 79 1.11 21.49 11.26
C TYR B 79 2.45 20.86 11.62
N MET B 80 3.03 20.18 10.64
N MET B 80 3.02 20.10 10.70
CA MET B 80 4.34 19.60 10.78
CA MET B 80 4.40 19.62 10.87
C MET B 80 5.22 20.08 9.63
C MET B 80 5.25 20.02 9.68
N GLU B 81 6.28 20.82 9.95
CA GLU B 81 7.22 21.20 8.92
C GLU B 81 8.50 20.38 9.08
N LEU B 82 8.97 19.78 7.99
CA LEU B 82 10.22 19.03 7.98
C LEU B 82 11.17 19.63 6.95
N ARG B 83 12.37 20.04 7.39
CA ARG B 83 13.31 20.77 6.53
C ARG B 83 14.49 19.89 6.14
N SER B 84 15.30 20.42 5.21
CA SER B 84 16.50 19.71 4.75
C SER B 84 16.20 18.29 4.35
N LEU B 85 15.21 18.12 3.48
CA LEU B 85 14.64 16.81 3.20
C LEU B 85 15.67 15.91 2.54
N ARG B 86 15.64 14.64 2.90
CA ARG B 86 16.50 13.63 2.29
C ARG B 86 15.65 12.51 1.69
N SER B 87 16.27 11.73 0.80
CA SER B 87 15.56 10.67 0.11
C SER B 87 14.84 9.75 1.07
N ASP B 88 15.49 9.40 2.18
CA ASP B 88 14.87 8.44 3.09
C ASP B 88 13.91 9.08 4.06
N ASP B 89 13.55 10.34 3.81
CA ASP B 89 12.36 10.91 4.45
C ASP B 89 11.10 10.51 3.70
N THR B 90 11.27 9.89 2.52
CA THR B 90 10.13 9.40 1.76
C THR B 90 9.34 8.42 2.62
N ALA B 91 8.07 8.73 2.86
CA ALA B 91 7.23 7.97 3.79
C ALA B 91 5.80 8.46 3.77
N ILE B 92 4.87 7.67 4.32
CA ILE B 92 3.55 8.18 4.67
C ILE B 92 3.65 8.75 6.09
N TYR B 93 3.20 9.99 6.24
CA TYR B 93 3.19 10.70 7.51
C TYR B 93 1.78 10.70 8.10
N TYR B 94 1.65 10.18 9.31
CA TYR B 94 0.37 10.18 10.01
C TYR B 94 0.33 11.15 11.19
N CYS B 95 -0.82 11.74 11.44
CA CYS B 95 -1.04 12.36 12.75
C CYS B 95 -1.91 11.40 13.58
N ALA B 96 -1.75 11.45 14.89
CA ALA B 96 -2.50 10.56 15.77
C ALA B 96 -2.84 11.29 17.06
N ARG B 97 -3.99 10.97 17.64
CA ARG B 97 -4.53 11.72 18.77
C ARG B 97 -4.20 11.15 20.16
N GLY B 98 -3.72 12.01 21.06
CA GLY B 98 -3.70 11.65 22.46
C GLY B 98 -2.57 10.74 22.93
N VAL B 99 -2.55 10.47 24.24
CA VAL B 99 -1.40 9.84 24.88
C VAL B 99 -1.31 8.33 24.55
N ASP B 100 -2.41 7.71 24.12
CA ASP B 100 -2.35 6.29 23.67
C ASP B 100 -2.35 6.14 22.16
N LEU B 101 -2.49 7.26 21.45
CA LEU B 101 -2.56 7.28 19.98
C LEU B 101 -3.83 6.54 19.55
N ASP B 102 -4.98 7.05 19.98
CA ASP B 102 -6.22 6.29 19.88
C ASP B 102 -6.94 6.47 18.56
N TYR B 103 -6.58 7.53 17.83
CA TYR B 103 -7.20 7.77 16.53
C TYR B 103 -6.15 8.34 15.58
N TRP B 104 -6.13 7.85 14.34
CA TRP B 104 -5.12 8.22 13.34
C TRP B 104 -5.74 8.87 12.10
N GLY B 105 -5.07 9.87 11.55
CA GLY B 105 -5.42 10.37 10.23
C GLY B 105 -5.12 9.37 9.13
N GLN B 106 -5.53 9.71 7.90
CA GLN B 106 -5.39 8.78 6.78
C GLN B 106 -3.98 8.74 6.17
N GLY B 107 -3.12 9.63 6.65
CA GLY B 107 -1.77 9.68 6.13
C GLY B 107 -1.60 10.65 4.96
N THR B 108 -0.41 11.25 4.91
CA THR B 108 0.06 12.08 3.79
C THR B 108 1.32 11.47 3.21
N LEU B 109 1.34 11.15 1.91
CA LEU B 109 2.57 10.64 1.29
C LEU B 109 3.52 11.78 0.97
N LEU B 110 4.77 11.63 1.39
CA LEU B 110 5.83 12.54 1.01
C LEU B 110 6.82 11.77 0.19
N THR B 111 7.05 12.21 -1.04
CA THR B 111 8.06 11.61 -1.90
C THR B 111 9.21 12.60 -2.00
N VAL B 112 10.41 12.21 -1.60
CA VAL B 112 11.58 13.07 -1.76
C VAL B 112 12.49 12.40 -2.78
N SER B 113 12.65 13.06 -3.92
CA SER B 113 13.34 12.51 -5.07
C SER B 113 13.91 13.61 -5.94
N SER B 114 15.04 13.33 -6.60
CA SER B 114 15.54 14.23 -7.61
C SER B 114 14.71 14.17 -8.88
N ALA B 115 13.92 13.11 -9.04
CA ALA B 115 13.07 12.97 -10.22
C ALA B 115 11.79 13.78 -10.04
N SER B 116 11.27 14.31 -11.15
CA SER B 116 10.04 15.08 -11.11
C SER B 116 8.81 14.20 -11.23
N THR B 117 7.67 14.73 -10.82
CA THR B 117 6.39 14.07 -11.16
C THR B 117 6.23 13.90 -12.65
N LYS B 118 5.58 12.80 -13.03
CA LYS B 118 5.36 12.46 -14.42
C LYS B 118 3.99 11.81 -14.54
N GLY B 119 3.13 12.35 -15.38
CA GLY B 119 1.82 11.77 -15.63
C GLY B 119 1.91 10.57 -16.57
N PRO B 120 0.85 9.75 -16.61
CA PRO B 120 0.92 8.51 -17.38
C PRO B 120 0.64 8.64 -18.88
N SER B 121 1.09 7.65 -19.62
CA SER B 121 0.64 7.39 -20.99
C SER B 121 -0.32 6.23 -20.94
N VAL B 122 -1.48 6.38 -21.55
CA VAL B 122 -2.50 5.33 -21.49
C VAL B 122 -2.72 4.69 -22.86
N PHE B 123 -2.74 3.35 -22.87
CA PHE B 123 -2.99 2.56 -24.09
C PHE B 123 -4.17 1.61 -23.90
N PRO B 124 -4.95 1.43 -24.96
CA PRO B 124 -6.06 0.49 -24.88
C PRO B 124 -5.60 -0.96 -24.95
N LEU B 125 -6.26 -1.80 -24.18
CA LEU B 125 -6.04 -3.26 -24.25
C LEU B 125 -7.30 -3.86 -24.89
N ALA B 126 -7.24 -4.06 -26.21
CA ALA B 126 -8.43 -4.44 -26.97
C ALA B 126 -8.88 -5.84 -26.64
N PRO B 127 -10.21 -6.08 -26.63
CA PRO B 127 -10.76 -7.42 -26.44
C PRO B 127 -10.40 -8.33 -27.61
N SER B 128 -10.18 -9.61 -27.32
CA SER B 128 -9.86 -10.58 -28.37
C SER B 128 -11.13 -11.22 -28.93
N GLY B 134 -17.54 -18.81 -22.82
CA GLY B 134 -18.13 -18.21 -21.63
C GLY B 134 -18.98 -17.00 -21.96
N GLY B 135 -18.91 -16.55 -23.22
CA GLY B 135 -19.69 -15.43 -23.69
C GLY B 135 -19.17 -14.07 -23.26
N THR B 136 -18.01 -14.02 -22.61
CA THR B 136 -17.47 -12.74 -22.14
C THR B 136 -16.11 -12.42 -22.75
N ALA B 137 -15.76 -11.13 -22.70
CA ALA B 137 -14.49 -10.64 -23.23
C ALA B 137 -13.82 -9.78 -22.17
N ALA B 138 -12.49 -9.85 -22.08
CA ALA B 138 -11.75 -8.94 -21.21
C ALA B 138 -11.10 -7.84 -22.04
N LEU B 139 -11.31 -6.58 -21.64
CA LEU B 139 -10.68 -5.44 -22.31
C LEU B 139 -10.14 -4.56 -21.21
N GLY B 140 -9.24 -3.65 -21.53
CA GLY B 140 -8.73 -2.84 -20.45
C GLY B 140 -7.96 -1.63 -20.88
N CYS B 141 -7.25 -1.06 -19.91
CA CYS B 141 -6.33 0.04 -20.18
C CYS B 141 -5.00 -0.19 -19.50
N LEU B 142 -3.93 0.04 -20.25
CA LEU B 142 -2.58 0.01 -19.74
C LEU B 142 -2.13 1.43 -19.38
N VAL B 143 -1.78 1.63 -18.12
CA VAL B 143 -1.41 2.99 -17.65
C VAL B 143 0.08 2.98 -17.38
N LYS B 144 0.85 3.61 -18.28
CA LYS B 144 2.30 3.43 -18.31
C LYS B 144 3.07 4.64 -17.78
N ASP B 145 4.15 4.33 -17.06
CA ASP B 145 5.24 5.27 -16.81
C ASP B 145 4.85 6.58 -16.13
N TYR B 146 4.25 6.46 -14.96
CA TYR B 146 3.94 7.63 -14.12
C TYR B 146 4.73 7.61 -12.83
N PHE B 147 4.72 8.75 -12.14
CA PHE B 147 5.47 8.88 -10.87
C PHE B 147 5.00 10.10 -10.11
N PRO B 148 4.80 9.99 -8.79
CA PRO B 148 4.77 8.79 -7.96
C PRO B 148 3.37 8.19 -8.00
N GLU B 149 3.10 7.23 -7.14
CA GLU B 149 1.75 6.71 -6.96
C GLU B 149 0.82 7.73 -6.31
N PRO B 150 -0.51 7.57 -6.46
CA PRO B 150 -1.26 6.54 -7.18
C PRO B 150 -1.91 7.07 -8.45
N VAL B 151 -2.40 6.13 -9.24
CA VAL B 151 -3.38 6.37 -10.27
C VAL B 151 -4.69 5.73 -9.83
N THR B 152 -5.83 6.35 -10.15
CA THR B 152 -7.12 5.66 -10.09
C THR B 152 -7.71 5.58 -11.48
N VAL B 153 -8.54 4.58 -11.71
CA VAL B 153 -9.17 4.33 -13.00
C VAL B 153 -10.65 4.09 -12.79
N SER B 154 -11.48 4.77 -13.58
CA SER B 154 -12.89 4.44 -13.64
C SER B 154 -13.21 4.06 -15.08
N TRP B 155 -14.41 3.55 -15.30
CA TRP B 155 -14.84 3.16 -16.64
C TRP B 155 -16.14 3.87 -16.99
N ASN B 156 -16.23 4.42 -18.21
CA ASN B 156 -17.43 5.14 -18.65
C ASN B 156 -17.90 6.16 -17.60
N SER B 157 -16.92 6.88 -17.05
CA SER B 157 -17.12 7.95 -16.07
C SER B 157 -17.89 7.48 -14.85
N GLY B 158 -17.70 6.21 -14.50
CA GLY B 158 -18.28 5.67 -13.29
C GLY B 158 -19.59 4.94 -13.53
N ALA B 159 -20.10 5.02 -14.75
CA ALA B 159 -21.35 4.31 -15.11
C ALA B 159 -21.14 2.80 -15.25
N LEU B 160 -19.90 2.39 -15.46
CA LEU B 160 -19.56 0.97 -15.59
C LEU B 160 -18.70 0.55 -14.39
N THR B 161 -19.28 -0.29 -13.52
CA THR B 161 -18.58 -0.70 -12.31
C THR B 161 -18.48 -2.22 -12.16
N SER B 162 -19.46 -2.95 -12.68
CA SER B 162 -19.43 -4.41 -12.55
C SER B 162 -18.27 -5.01 -13.35
N GLY B 163 -17.54 -5.94 -12.73
CA GLY B 163 -16.52 -6.69 -13.46
C GLY B 163 -15.20 -5.95 -13.71
N VAL B 164 -14.99 -4.87 -12.96
CA VAL B 164 -13.75 -4.07 -13.09
C VAL B 164 -12.70 -4.55 -12.11
N HIS B 165 -11.47 -4.74 -12.59
CA HIS B 165 -10.39 -5.10 -11.69
C HIS B 165 -9.20 -4.23 -12.05
N THR B 166 -8.86 -3.29 -11.17
CA THR B 166 -7.70 -2.45 -11.38
C THR B 166 -6.58 -3.03 -10.52
N PHE B 167 -5.47 -3.38 -11.15
CA PHE B 167 -4.42 -4.12 -10.47
C PHE B 167 -3.41 -3.20 -9.78
N PRO B 168 -2.80 -3.66 -8.70
CA PRO B 168 -1.66 -2.93 -8.12
C PRO B 168 -0.55 -2.63 -9.13
N ALA B 169 0.12 -1.50 -8.95
CA ALA B 169 1.15 -1.08 -9.88
C ALA B 169 2.47 -1.83 -9.73
N VAL B 170 3.21 -1.90 -10.82
CA VAL B 170 4.56 -2.40 -10.77
C VAL B 170 5.50 -1.18 -10.78
N LEU B 171 6.54 -1.23 -9.97
CA LEU B 171 7.62 -0.26 -10.01
C LEU B 171 8.71 -0.81 -10.91
N GLN B 172 8.93 -0.14 -12.03
CA GLN B 172 9.78 -0.67 -13.09
C GLN B 172 11.24 -0.23 -12.96
N SER B 173 12.12 -0.83 -13.75
CA SER B 173 13.54 -0.53 -13.65
C SER B 173 13.87 0.89 -14.14
N SER B 174 12.87 1.59 -14.67
CA SER B 174 12.99 3.01 -15.05
C SER B 174 12.79 3.93 -13.85
N GLY B 175 12.22 3.39 -12.79
CA GLY B 175 11.87 4.16 -11.60
C GLY B 175 10.49 4.77 -11.72
N LEU B 176 9.79 4.39 -12.78
CA LEU B 176 8.40 4.81 -12.99
C LEU B 176 7.47 3.64 -12.75
N TYR B 177 6.20 3.95 -12.50
CA TYR B 177 5.18 2.91 -12.25
C TYR B 177 4.32 2.66 -13.49
N SER B 178 3.78 1.45 -13.57
CA SER B 178 2.73 1.13 -14.55
C SER B 178 1.67 0.29 -13.84
N LEU B 179 0.42 0.43 -14.27
CA LEU B 179 -0.61 -0.54 -13.88
C LEU B 179 -1.59 -0.80 -15.00
N SER B 180 -2.44 -1.80 -14.80
CA SER B 180 -3.54 -2.08 -15.74
C SER B 180 -4.88 -2.17 -15.02
N SER B 181 -5.94 -1.80 -15.74
CA SER B 181 -7.31 -1.96 -15.29
C SER B 181 -8.04 -2.76 -16.37
N VAL B 182 -8.72 -3.83 -15.96
CA VAL B 182 -9.45 -4.70 -16.89
C VAL B 182 -10.92 -4.79 -16.51
N VAL B 183 -11.79 -4.81 -17.52
CA VAL B 183 -13.19 -5.07 -17.28
C VAL B 183 -13.66 -6.21 -18.16
N THR B 184 -14.45 -7.10 -17.57
CA THR B 184 -15.02 -8.24 -18.28
C THR B 184 -16.48 -7.94 -18.64
N VAL B 185 -16.78 -8.02 -19.93
CA VAL B 185 -18.08 -7.59 -20.49
C VAL B 185 -18.65 -8.66 -21.43
N PRO B 186 -19.94 -8.57 -21.77
CA PRO B 186 -20.45 -9.52 -22.77
C PRO B 186 -19.84 -9.32 -24.14
N SER B 187 -19.48 -10.41 -24.81
CA SER B 187 -18.90 -10.30 -26.16
C SER B 187 -19.85 -9.64 -27.17
N SER B 188 -21.15 -9.88 -26.99
CA SER B 188 -22.14 -9.29 -27.89
C SER B 188 -22.10 -7.77 -27.82
N SER B 189 -21.63 -7.24 -26.70
CA SER B 189 -21.65 -5.80 -26.45
C SER B 189 -20.59 -5.06 -27.26
N LEU B 190 -19.55 -5.78 -27.66
CA LEU B 190 -18.44 -5.16 -28.37
C LEU B 190 -18.93 -4.56 -29.69
N GLY B 191 -18.76 -3.26 -29.85
CA GLY B 191 -19.18 -2.62 -31.09
C GLY B 191 -20.60 -2.09 -31.09
N THR B 192 -21.31 -2.26 -29.97
CA THR B 192 -22.55 -1.53 -29.75
C THR B 192 -22.48 -0.76 -28.42
N GLN B 193 -21.64 -1.21 -27.50
CA GLN B 193 -21.39 -0.40 -26.31
C GLN B 193 -20.01 0.22 -26.43
N THR B 194 -19.91 1.48 -26.01
CA THR B 194 -18.63 2.19 -25.96
C THR B 194 -17.96 2.04 -24.60
N TYR B 195 -16.64 1.78 -24.61
CA TYR B 195 -15.88 1.59 -23.38
C TYR B 195 -14.73 2.57 -23.33
N ILE B 196 -14.70 3.37 -22.27
CA ILE B 196 -13.72 4.43 -22.11
C ILE B 196 -13.16 4.34 -20.69
N CYS B 197 -11.85 4.22 -20.55
CA CYS B 197 -11.28 4.29 -19.21
C CYS B 197 -10.89 5.73 -18.89
N ASN B 198 -11.10 6.10 -17.63
CA ASN B 198 -10.84 7.44 -17.12
C ASN B 198 -9.77 7.33 -16.08
N VAL B 199 -8.58 7.81 -16.44
CA VAL B 199 -7.39 7.65 -15.61
C VAL B 199 -7.03 8.96 -14.92
N ASN B 200 -6.92 8.92 -13.60
CA ASN B 200 -6.58 10.11 -12.82
C ASN B 200 -5.22 9.96 -12.15
N HIS B 201 -4.32 10.93 -12.38
CA HIS B 201 -3.03 10.99 -11.69
C HIS B 201 -2.89 12.34 -11.02
N LYS B 202 -3.39 12.45 -9.79
CA LYS B 202 -3.38 13.73 -9.09
C LYS B 202 -1.98 14.38 -8.91
N PRO B 203 -0.92 13.60 -8.66
CA PRO B 203 0.38 14.28 -8.45
C PRO B 203 0.83 15.15 -9.63
N SER B 204 0.48 14.75 -10.83
CA SER B 204 0.83 15.56 -12.01
C SER B 204 -0.34 16.41 -12.51
N ASN B 205 -1.46 16.37 -11.79
CA ASN B 205 -2.66 17.11 -12.18
C ASN B 205 -3.12 16.75 -13.57
N THR B 206 -3.06 15.46 -13.90
CA THR B 206 -3.45 14.94 -15.19
C THR B 206 -4.65 13.99 -15.11
N LYS B 207 -5.45 14.01 -16.15
CA LYS B 207 -6.53 13.05 -16.33
C LYS B 207 -6.49 12.60 -17.78
N VAL B 208 -6.67 11.31 -18.02
CA VAL B 208 -6.66 10.79 -19.37
C VAL B 208 -7.89 9.94 -19.62
N ASP B 209 -8.58 10.20 -20.72
CA ASP B 209 -9.63 9.31 -21.22
C ASP B 209 -9.14 8.50 -22.41
N LYS B 210 -9.37 7.19 -22.40
CA LYS B 210 -9.02 6.39 -23.58
C LYS B 210 -10.16 5.44 -23.99
N ARG B 211 -10.61 5.57 -25.24
CA ARG B 211 -11.60 4.64 -25.80
C ARG B 211 -10.92 3.32 -26.12
N VAL B 212 -11.57 2.22 -25.77
CA VAL B 212 -11.04 0.88 -26.02
C VAL B 212 -11.95 0.19 -27.01
N GLU B 213 -11.46 0.00 -28.24
CA GLU B 213 -12.30 -0.54 -29.30
C GLU B 213 -11.82 -1.93 -29.73
N PRO B 214 -12.72 -2.74 -30.30
CA PRO B 214 -12.25 -4.01 -30.89
C PRO B 214 -11.29 -3.73 -32.04
#